data_3SY4
#
_entry.id   3SY4
#
_cell.length_a   149.766
_cell.length_b   149.766
_cell.length_c   81.730
_cell.angle_alpha   90.00
_cell.angle_beta   90.00
_cell.angle_gamma   120.00
#
_symmetry.space_group_name_H-M   'P 62 2 2'
#
loop_
_entity.id
_entity.type
_entity.pdbx_description
1 polymer 'Sulfide-quinone reductase, putative'
2 non-polymer 'FLAVIN-ADENINE DINUCLEOTIDE'
3 non-polymer DODECYL-BETA-D-MALTOSIDE
4 non-polymer 'HYDROSULFURIC ACID'
5 non-polymer 'SULFATE ION'
6 water water
#
_entity_poly.entity_id   1
_entity_poly.type   'polypeptide(L)'
_entity_poly.pdbx_seq_one_letter_code
;MRGSAHVVILGAGTGGMPAAYEMKEALGSGHEVTLISANDYFQFVPSNPWVGVGWKERDDIAFPIRHYVERKGIHFIAQS
AEQIDAEAQNITLADGNTVHYDYLMIATGPKLAFENVPGSDPHEGPVQAICTVDHAERAFAEYQALLREPGPIVIGAMAG
ASCFGPAYEYAMIVASDLKKRGMRDKIPSFTFITSEPYIGHLGIQGVGDSKGILTKGLKEEGIEAYTNCKVTKVEDNKMY
VTQVDEKGETIKEMVLPVKFGMMIPAFKGVPAVAGVEGLCNPGGFVLVDEHQRSKKYANIFAAGIAIAIPPVETTPVPTG
APKTGYMIESMVSAAVHNIKADLEGRKGEQTMGTWNAVCFADMGDRGAAFIALPQLKPRKVDVFAYGRWVHLAKVAFEKY
FIRKMKMGVSEPFYEKVLFKMMGITRLKEEDTHRKAS
;
_entity_poly.pdbx_strand_id   A
#
loop_
_chem_comp.id
_chem_comp.type
_chem_comp.name
_chem_comp.formula
FAD non-polymer 'FLAVIN-ADENINE DINUCLEOTIDE' 'C27 H33 N9 O15 P2'
H2S non-polymer 'HYDROSULFURIC ACID' 'H2 S'
LMT D-saccharide DODECYL-BETA-D-MALTOSIDE 'C24 H46 O11'
SO4 non-polymer 'SULFATE ION' 'O4 S -2'
#
# COMPACT_ATOMS: atom_id res chain seq x y z
N MET A 1 17.10 27.20 4.38
CA MET A 1 17.98 28.20 4.98
C MET A 1 17.23 29.12 5.94
N ARG A 2 17.96 29.95 6.69
CA ARG A 2 17.35 30.82 7.68
C ARG A 2 16.32 31.77 7.05
N GLY A 3 15.10 31.73 7.57
CA GLY A 3 14.03 32.58 7.08
C GLY A 3 13.35 32.03 5.83
N SER A 4 14.06 31.18 5.10
CA SER A 4 13.51 30.53 3.91
C SER A 4 13.72 29.03 4.02
N ALA A 5 13.04 28.41 4.99
CA ALA A 5 13.25 27.00 5.27
C ALA A 5 13.09 26.13 4.03
N HIS A 6 14.02 25.19 3.86
CA HIS A 6 13.94 24.21 2.79
C HIS A 6 13.22 22.93 3.26
N VAL A 7 12.11 22.60 2.59
CA VAL A 7 11.31 21.41 2.93
C VAL A 7 11.49 20.32 1.89
N VAL A 8 11.95 19.15 2.32
CA VAL A 8 12.11 18.01 1.41
C VAL A 8 11.00 16.99 1.68
N ILE A 9 10.34 16.53 0.62
CA ILE A 9 9.38 15.41 0.70
C ILE A 9 10.05 14.15 0.11
N LEU A 10 10.16 13.11 0.92
CA LEU A 10 10.82 11.89 0.47
C LEU A 10 9.79 10.84 0.04
N GLY A 11 9.70 10.61 -1.27
CA GLY A 11 8.77 9.61 -1.81
C GLY A 11 7.61 10.24 -2.55
N ALA A 12 7.42 9.85 -3.81
CA ALA A 12 6.40 10.43 -4.66
C ALA A 12 5.30 9.42 -4.97
N GLY A 13 4.56 9.05 -3.93
CA GLY A 13 3.51 8.07 -4.08
C GLY A 13 2.17 8.68 -3.72
N THR A 14 1.25 7.84 -3.25
CA THR A 14 -0.08 8.29 -2.87
C THR A 14 -0.07 9.45 -1.86
N GLY A 15 0.80 9.38 -0.86
CA GLY A 15 0.92 10.48 0.09
C GLY A 15 1.88 11.59 -0.35
N GLY A 16 3.05 11.19 -0.85
CA GLY A 16 4.12 12.15 -1.08
C GLY A 16 3.88 13.10 -2.25
N MET A 17 3.25 12.60 -3.30
CA MET A 17 2.98 13.43 -4.44
C MET A 17 2.04 14.58 -4.05
N PRO A 18 0.86 14.25 -3.51
CA PRO A 18 0.03 15.34 -2.99
C PRO A 18 0.77 16.17 -1.95
N ALA A 19 1.59 15.56 -1.09
CA ALA A 19 2.32 16.34 -0.08
C ALA A 19 3.16 17.46 -0.72
N ALA A 20 3.81 17.15 -1.84
CA ALA A 20 4.69 18.11 -2.51
C ALA A 20 3.88 19.32 -2.97
N TYR A 21 2.84 19.08 -3.75
CA TYR A 21 1.91 20.15 -4.18
C TYR A 21 1.36 20.93 -3.00
N GLU A 22 0.85 20.24 -1.99
CA GLU A 22 0.21 20.94 -0.88
C GLU A 22 1.24 21.76 -0.13
N MET A 23 2.45 21.22 -0.03
CA MET A 23 3.47 21.93 0.71
C MET A 23 3.80 23.21 -0.02
N LYS A 24 4.03 23.11 -1.33
CA LYS A 24 4.42 24.28 -2.11
C LYS A 24 3.31 25.33 -2.10
N GLU A 25 2.07 24.89 -2.19
CA GLU A 25 0.92 25.78 -2.14
C GLU A 25 0.89 26.52 -0.82
N ALA A 26 1.14 25.78 0.26
CA ALA A 26 1.05 26.31 1.62
C ALA A 26 2.18 27.26 1.98
N LEU A 27 3.37 27.00 1.43
CA LEU A 27 4.56 27.77 1.79
C LEU A 27 4.80 28.94 0.84
N GLY A 28 4.55 28.74 -0.44
CA GLY A 28 4.68 29.79 -1.42
C GLY A 28 6.09 29.93 -1.97
N SER A 29 6.34 31.06 -2.64
CA SER A 29 7.57 31.28 -3.39
C SER A 29 8.80 31.51 -2.52
N GLY A 30 8.61 31.84 -1.25
CA GLY A 30 9.73 32.09 -0.36
C GLY A 30 10.35 30.88 0.30
N HIS A 31 9.88 29.69 -0.09
CA HIS A 31 10.40 28.45 0.48
C HIS A 31 10.63 27.40 -0.61
N GLU A 32 11.78 26.75 -0.55
CA GLU A 32 12.09 25.71 -1.53
C GLU A 32 11.42 24.39 -1.10
N VAL A 33 10.70 23.77 -2.04
CA VAL A 33 10.12 22.43 -1.82
C VAL A 33 10.75 21.47 -2.82
N THR A 34 11.41 20.43 -2.31
CA THR A 34 12.09 19.43 -3.13
C THR A 34 11.41 18.08 -2.92
N LEU A 35 10.98 17.46 -4.02
CA LEU A 35 10.44 16.10 -3.99
C LEU A 35 11.49 15.12 -4.49
N ILE A 36 11.84 14.17 -3.65
CA ILE A 36 12.84 13.15 -3.98
C ILE A 36 12.17 11.79 -4.04
N SER A 37 12.38 11.05 -5.13
CA SER A 37 11.77 9.73 -5.24
C SER A 37 12.61 8.75 -6.06
N ALA A 38 12.51 7.49 -5.69
CA ALA A 38 13.26 6.41 -6.34
C ALA A 38 12.91 6.22 -7.82
N ASN A 39 11.66 6.48 -8.20
CA ASN A 39 11.28 6.32 -9.60
C ASN A 39 10.97 7.68 -10.17
N ASP A 40 11.08 7.82 -11.49
CA ASP A 40 10.78 9.10 -12.12
C ASP A 40 9.31 9.25 -12.50
N TYR A 41 8.52 8.23 -12.16
CA TYR A 41 7.10 8.22 -12.51
C TYR A 41 6.21 7.93 -11.31
N PHE A 42 5.00 8.50 -11.32
CA PHE A 42 3.96 8.21 -10.35
C PHE A 42 3.17 7.00 -10.83
N GLN A 43 2.72 6.17 -9.92
CA GLN A 43 1.85 5.07 -10.31
C GLN A 43 0.64 5.01 -9.38
N PHE A 44 -0.52 4.69 -9.94
CA PHE A 44 -1.72 4.59 -9.15
C PHE A 44 -1.83 3.17 -8.61
N VAL A 45 -1.36 2.97 -7.39
CA VAL A 45 -1.20 1.63 -6.81
C VAL A 45 -2.44 0.71 -6.85
N PRO A 46 -3.64 1.23 -6.53
CA PRO A 46 -4.82 0.37 -6.48
C PRO A 46 -5.15 -0.27 -7.83
N SER A 47 -4.54 0.21 -8.90
CA SER A 47 -4.78 -0.37 -10.21
C SER A 47 -3.85 -1.55 -10.50
N ASN A 48 -2.86 -1.78 -9.64
CA ASN A 48 -1.87 -2.82 -9.92
C ASN A 48 -2.44 -4.25 -10.10
N PRO A 49 -3.43 -4.65 -9.27
CA PRO A 49 -4.01 -5.98 -9.46
C PRO A 49 -4.52 -6.20 -10.87
N TRP A 50 -5.15 -5.20 -11.46
CA TRP A 50 -5.61 -5.30 -12.84
C TRP A 50 -4.46 -5.43 -13.85
N VAL A 51 -3.37 -4.70 -13.61
CA VAL A 51 -2.16 -4.88 -14.42
C VAL A 51 -1.71 -6.34 -14.31
N GLY A 52 -1.84 -6.91 -13.11
CA GLY A 52 -1.36 -8.26 -12.84
C GLY A 52 -2.10 -9.35 -13.60
N VAL A 53 -3.30 -9.03 -14.09
CA VAL A 53 -4.07 -10.01 -14.84
C VAL A 53 -4.24 -9.55 -16.29
N GLY A 54 -3.70 -8.39 -16.62
CA GLY A 54 -3.70 -7.87 -17.98
C GLY A 54 -4.89 -7.00 -18.37
N TRP A 55 -5.73 -6.64 -17.40
CA TRP A 55 -6.88 -5.80 -17.69
C TRP A 55 -6.50 -4.34 -17.76
N LYS A 56 -5.24 -4.05 -17.45
CA LYS A 56 -4.72 -2.69 -17.51
C LYS A 56 -3.24 -2.68 -17.87
N GLU A 57 -2.80 -1.58 -18.44
CA GLU A 57 -1.42 -1.41 -18.87
C GLU A 57 -0.75 -0.34 -18.03
N ARG A 58 0.57 -0.45 -17.89
CA ARG A 58 1.36 0.58 -17.22
C ARG A 58 1.00 1.97 -17.73
N ASP A 59 0.91 2.11 -19.05
CA ASP A 59 0.60 3.39 -19.67
C ASP A 59 -0.68 4.00 -19.14
N ASP A 60 -1.61 3.15 -18.70
CA ASP A 60 -2.89 3.64 -18.19
C ASP A 60 -2.80 4.17 -16.76
N ILE A 61 -1.84 3.68 -16.00
CA ILE A 61 -1.84 3.96 -14.56
C ILE A 61 -0.62 4.72 -14.05
N ALA A 62 0.34 4.98 -14.94
CA ALA A 62 1.56 5.66 -14.51
C ALA A 62 1.94 6.77 -15.47
N PHE A 63 2.69 7.74 -14.96
CA PHE A 63 3.14 8.85 -15.77
C PHE A 63 4.37 9.49 -15.15
N PRO A 64 5.17 10.18 -15.98
CA PRO A 64 6.41 10.79 -15.49
C PRO A 64 6.08 11.99 -14.61
N ILE A 65 6.82 12.14 -13.52
CA ILE A 65 6.52 13.16 -12.52
C ILE A 65 7.05 14.56 -12.86
N ARG A 66 8.28 14.64 -13.39
CA ARG A 66 9.00 15.91 -13.50
C ARG A 66 8.20 17.12 -13.97
N HIS A 67 7.68 17.06 -15.19
CA HIS A 67 7.01 18.22 -15.74
C HIS A 67 5.90 18.73 -14.83
N TYR A 68 5.08 17.83 -14.29
CA TYR A 68 3.91 18.27 -13.52
C TYR A 68 4.23 18.98 -12.20
N VAL A 69 5.28 18.54 -11.51
CA VAL A 69 5.64 19.20 -10.25
C VAL A 69 6.51 20.45 -10.51
N GLU A 70 7.37 20.38 -11.51
CA GLU A 70 8.25 21.53 -11.82
C GLU A 70 7.44 22.76 -12.25
N ARG A 71 6.35 22.55 -12.99
CA ARG A 71 5.54 23.67 -13.45
C ARG A 71 4.83 24.32 -12.27
N LYS A 72 4.98 23.71 -11.10
CA LYS A 72 4.39 24.23 -9.86
C LYS A 72 5.48 24.81 -8.97
N GLY A 73 6.72 24.80 -9.45
CA GLY A 73 7.83 25.34 -8.70
C GLY A 73 8.51 24.35 -7.76
N ILE A 74 8.14 23.08 -7.87
CA ILE A 74 8.71 22.04 -7.04
C ILE A 74 9.93 21.42 -7.72
N HIS A 75 11.03 21.29 -6.99
CA HIS A 75 12.22 20.64 -7.54
C HIS A 75 12.05 19.13 -7.40
N PHE A 76 12.38 18.40 -8.47
CA PHE A 76 12.22 16.95 -8.46
C PHE A 76 13.56 16.25 -8.65
N ILE A 77 13.88 15.36 -7.72
CA ILE A 77 15.06 14.53 -7.85
C ILE A 77 14.65 13.10 -7.96
N ALA A 78 14.94 12.47 -9.09
CA ALA A 78 14.53 11.08 -9.29
C ALA A 78 15.66 10.14 -8.89
N GLN A 79 15.99 10.13 -7.61
CA GLN A 79 17.03 9.24 -7.08
C GLN A 79 16.53 8.64 -5.78
N SER A 80 16.92 7.43 -5.47
CA SER A 80 16.59 6.88 -4.17
C SER A 80 17.50 7.49 -3.08
N ALA A 81 16.94 7.85 -1.92
CA ALA A 81 17.78 8.17 -0.76
C ALA A 81 18.31 6.86 -0.19
N GLU A 82 19.59 6.85 0.16
CA GLU A 82 20.24 5.66 0.66
C GLU A 82 20.53 5.82 2.14
N GLN A 83 20.70 7.06 2.57
CA GLN A 83 21.07 7.32 3.94
C GLN A 83 20.49 8.65 4.38
N ILE A 84 19.98 8.69 5.61
CA ILE A 84 19.51 9.94 6.18
C ILE A 84 20.28 10.23 7.47
N ASP A 85 20.97 11.37 7.50
CA ASP A 85 21.64 11.81 8.72
C ASP A 85 20.73 12.86 9.36
N ALA A 86 20.06 12.49 10.44
CA ALA A 86 19.05 13.37 11.06
C ALA A 86 19.68 14.47 11.92
N GLU A 87 20.94 14.28 12.31
CA GLU A 87 21.66 15.29 13.10
C GLU A 87 22.12 16.41 12.17
N ALA A 88 22.86 16.03 11.14
CA ALA A 88 23.32 16.97 10.12
C ALA A 88 22.19 17.42 9.20
N GLN A 89 21.10 16.65 9.15
CA GLN A 89 19.96 16.98 8.30
C GLN A 89 20.34 16.89 6.82
N ASN A 90 21.14 15.87 6.51
CA ASN A 90 21.53 15.53 5.14
C ASN A 90 20.99 14.20 4.66
N ILE A 91 20.52 14.19 3.42
CA ILE A 91 20.11 12.97 2.74
C ILE A 91 21.14 12.60 1.66
N THR A 92 21.72 11.42 1.78
CA THR A 92 22.63 10.92 0.75
C THR A 92 21.88 10.10 -0.30
N LEU A 93 21.99 10.51 -1.55
CA LEU A 93 21.26 9.89 -2.65
C LEU A 93 22.06 8.73 -3.24
N ALA A 94 21.38 7.87 -3.99
CA ALA A 94 22.00 6.73 -4.65
C ALA A 94 23.27 7.13 -5.41
N ASP A 95 23.23 8.26 -6.12
CA ASP A 95 24.37 8.70 -6.92
C ASP A 95 25.49 9.35 -6.10
N GLY A 96 25.28 9.50 -4.80
CA GLY A 96 26.33 10.04 -3.95
C GLY A 96 26.16 11.49 -3.58
N ASN A 97 25.38 12.22 -4.36
CA ASN A 97 25.04 13.59 -4.01
C ASN A 97 24.31 13.67 -2.68
N THR A 98 24.42 14.79 -1.99
CA THR A 98 23.69 14.95 -0.73
C THR A 98 22.76 16.13 -0.80
N VAL A 99 21.61 16.02 -0.14
CA VAL A 99 20.63 17.08 -0.10
C VAL A 99 20.36 17.44 1.35
N HIS A 100 20.52 18.73 1.66
CA HIS A 100 20.24 19.23 3.00
C HIS A 100 18.76 19.62 3.12
N TYR A 101 18.19 19.50 4.31
CA TYR A 101 16.83 19.94 4.52
C TYR A 101 16.70 20.68 5.84
N ASP A 102 15.69 21.55 5.91
CA ASP A 102 15.31 22.16 7.18
C ASP A 102 14.15 21.38 7.79
N TYR A 103 13.19 20.99 6.95
CA TYR A 103 12.15 20.04 7.34
C TYR A 103 12.11 18.88 6.36
N LEU A 104 11.87 17.69 6.88
CA LEU A 104 11.78 16.51 6.04
C LEU A 104 10.43 15.83 6.29
N MET A 105 9.69 15.58 5.21
CA MET A 105 8.49 14.76 5.32
C MET A 105 8.71 13.41 4.66
N ILE A 106 8.73 12.38 5.48
CA ILE A 106 8.95 11.02 4.99
C ILE A 106 7.65 10.41 4.47
N ALA A 107 7.63 10.08 3.18
CA ALA A 107 6.45 9.38 2.63
C ALA A 107 6.91 8.22 1.75
N THR A 108 7.75 7.37 2.31
CA THR A 108 8.47 6.36 1.53
C THR A 108 7.69 5.03 1.37
N GLY A 109 6.50 4.96 1.94
CA GLY A 109 5.65 3.78 1.75
C GLY A 109 6.31 2.52 2.31
N PRO A 110 6.00 1.35 1.74
CA PRO A 110 6.49 0.10 2.33
C PRO A 110 7.71 -0.49 1.63
N LYS A 111 8.59 -1.12 2.42
CA LYS A 111 9.55 -2.08 1.89
C LYS A 111 8.81 -3.40 1.81
N LEU A 112 8.83 -4.03 0.65
CA LEU A 112 8.19 -5.33 0.50
C LEU A 112 9.11 -6.41 1.06
N ALA A 113 8.77 -6.98 2.21
CA ALA A 113 9.73 -7.83 2.93
C ALA A 113 9.73 -9.28 2.44
N PHE A 114 10.13 -9.47 1.20
CA PHE A 114 10.21 -10.82 0.63
C PHE A 114 11.17 -11.70 1.45
N GLU A 115 12.19 -11.08 2.04
CA GLU A 115 13.20 -11.80 2.79
C GLU A 115 12.62 -12.53 4.02
N ASN A 116 11.44 -12.14 4.46
CA ASN A 116 10.78 -12.87 5.54
C ASN A 116 10.51 -14.32 5.16
N VAL A 117 10.36 -14.57 3.86
CA VAL A 117 10.03 -15.91 3.36
C VAL A 117 11.04 -16.28 2.28
N PRO A 118 12.09 -17.02 2.66
CA PRO A 118 13.14 -17.44 1.73
C PRO A 118 12.51 -18.04 0.47
N GLY A 119 12.95 -17.58 -0.69
CA GLY A 119 12.40 -18.03 -1.96
C GLY A 119 11.18 -17.29 -2.49
N SER A 120 10.59 -16.40 -1.67
CA SER A 120 9.36 -15.71 -2.07
C SER A 120 9.54 -14.51 -2.99
N ASP A 121 10.77 -14.01 -3.09
CA ASP A 121 11.00 -12.85 -3.96
C ASP A 121 10.54 -13.21 -5.36
N PRO A 122 9.85 -12.28 -6.03
CA PRO A 122 9.36 -12.56 -7.38
C PRO A 122 10.46 -12.98 -8.37
N HIS A 123 11.71 -12.61 -8.09
CA HIS A 123 12.82 -12.98 -8.98
C HIS A 123 13.47 -14.31 -8.61
N GLU A 124 13.04 -14.90 -7.50
CA GLU A 124 13.63 -16.13 -6.98
C GLU A 124 12.78 -17.38 -7.23
N GLY A 125 11.51 -17.18 -7.58
CA GLY A 125 10.62 -18.32 -7.72
C GLY A 125 9.30 -17.96 -8.38
N PRO A 126 8.32 -18.88 -8.30
CA PRO A 126 7.04 -18.72 -8.99
C PRO A 126 6.04 -17.86 -8.22
N VAL A 127 6.33 -17.49 -6.98
CA VAL A 127 5.45 -16.62 -6.21
C VAL A 127 5.67 -15.14 -6.57
N GLN A 128 4.77 -14.59 -7.37
CA GLN A 128 4.86 -13.18 -7.78
C GLN A 128 4.17 -12.23 -6.79
N ALA A 129 4.07 -10.96 -7.16
CA ALA A 129 3.42 -9.95 -6.33
C ALA A 129 2.87 -8.83 -7.20
N ILE A 130 1.86 -8.13 -6.69
CA ILE A 130 1.25 -7.08 -7.50
C ILE A 130 1.21 -5.71 -6.80
N CYS A 131 2.09 -5.49 -5.83
CA CYS A 131 2.06 -4.24 -5.09
C CYS A 131 2.59 -3.06 -5.92
N THR A 132 3.52 -3.33 -6.84
CA THR A 132 4.08 -2.30 -7.70
C THR A 132 3.86 -2.66 -9.16
N VAL A 133 3.87 -1.67 -10.04
CA VAL A 133 3.57 -1.95 -11.43
C VAL A 133 4.66 -2.79 -12.05
N ASP A 134 5.91 -2.59 -11.64
CA ASP A 134 6.99 -3.48 -12.06
C ASP A 134 6.66 -4.93 -11.73
N HIS A 135 6.24 -5.18 -10.49
CA HIS A 135 5.92 -6.56 -10.12
C HIS A 135 4.65 -7.10 -10.75
N ALA A 136 3.64 -6.24 -10.91
CA ALA A 136 2.39 -6.68 -11.53
C ALA A 136 2.60 -7.03 -13.00
N GLU A 137 3.45 -6.29 -13.70
CA GLU A 137 3.77 -6.64 -15.08
C GLU A 137 4.41 -8.01 -15.11
N ARG A 138 5.30 -8.26 -14.16
CA ARG A 138 5.96 -9.54 -14.05
C ARG A 138 4.97 -10.65 -13.69
N ALA A 139 4.03 -10.35 -12.80
CA ALA A 139 3.00 -11.32 -12.43
C ALA A 139 2.21 -11.68 -13.67
N PHE A 140 1.90 -10.69 -14.50
CA PHE A 140 1.10 -10.98 -15.68
C PHE A 140 1.86 -11.87 -16.66
N ALA A 141 3.13 -11.55 -16.86
CA ALA A 141 4.00 -12.36 -17.70
C ALA A 141 3.92 -13.81 -17.27
N GLU A 142 4.04 -14.04 -15.96
CA GLU A 142 4.01 -15.40 -15.44
C GLU A 142 2.61 -16.00 -15.53
N TYR A 143 1.59 -15.16 -15.59
CA TYR A 143 0.23 -15.64 -15.75
C TYR A 143 0.07 -16.21 -17.17
N GLN A 144 0.64 -15.52 -18.15
CA GLN A 144 0.64 -15.99 -19.53
C GLN A 144 1.40 -17.31 -19.67
N ALA A 145 2.42 -17.50 -18.84
CA ALA A 145 3.19 -18.74 -18.85
C ALA A 145 2.42 -19.89 -18.20
N LEU A 146 1.46 -19.54 -17.35
CA LEU A 146 0.56 -20.54 -16.77
C LEU A 146 -0.47 -20.97 -17.81
N LEU A 147 -0.90 -20.03 -18.64
CA LEU A 147 -1.87 -20.33 -19.68
C LEU A 147 -1.29 -21.33 -20.67
N ARG A 148 -0.07 -21.05 -21.12
CA ARG A 148 0.60 -21.95 -22.05
C ARG A 148 0.89 -23.31 -21.44
N GLU A 149 0.97 -23.37 -20.10
CA GLU A 149 1.32 -24.61 -19.41
C GLU A 149 0.67 -24.75 -18.04
N PRO A 150 -0.66 -24.96 -18.01
CA PRO A 150 -1.45 -25.00 -16.76
C PRO A 150 -0.87 -25.86 -15.64
N GLY A 151 -1.08 -25.40 -14.41
CA GLY A 151 -0.59 -26.07 -13.21
C GLY A 151 -1.25 -25.40 -12.01
N PRO A 152 -0.90 -25.83 -10.78
CA PRO A 152 -1.64 -25.33 -9.61
C PRO A 152 -1.42 -23.83 -9.40
N ILE A 153 -2.45 -23.17 -8.88
CA ILE A 153 -2.39 -21.74 -8.56
C ILE A 153 -2.47 -21.56 -7.06
N VAL A 154 -1.69 -20.63 -6.53
CA VAL A 154 -1.79 -20.30 -5.11
C VAL A 154 -1.71 -18.79 -4.98
N ILE A 155 -2.77 -18.20 -4.42
CA ILE A 155 -2.85 -16.76 -4.24
C ILE A 155 -3.20 -16.48 -2.78
N GLY A 156 -2.75 -15.35 -2.25
CA GLY A 156 -3.03 -15.04 -0.86
C GLY A 156 -2.16 -13.98 -0.23
N ALA A 157 -2.00 -14.07 1.09
CA ALA A 157 -1.24 -13.07 1.82
C ALA A 157 -0.36 -13.69 2.90
N MET A 158 0.87 -13.23 2.97
CA MET A 158 1.88 -13.77 3.88
C MET A 158 1.59 -13.38 5.30
N ALA A 159 2.27 -14.06 6.23
CA ALA A 159 2.25 -13.63 7.61
C ALA A 159 2.82 -12.21 7.67
N GLY A 160 2.26 -11.38 8.54
CA GLY A 160 2.70 -10.02 8.68
C GLY A 160 2.11 -9.10 7.63
N ALA A 161 1.37 -9.64 6.65
CA ALA A 161 0.71 -8.77 5.67
C ALA A 161 -0.28 -7.84 6.35
N SER A 162 -0.54 -6.70 5.73
CA SER A 162 -1.49 -5.72 6.27
C SER A 162 -2.47 -5.27 5.18
N CYS A 163 -2.27 -5.82 3.98
CA CYS A 163 -2.99 -5.38 2.80
C CYS A 163 -3.69 -6.56 2.12
N PHE A 164 -4.87 -6.93 2.63
CA PHE A 164 -5.49 -8.20 2.23
C PHE A 164 -6.47 -8.07 1.07
N GLY A 165 -7.16 -6.93 1.00
CA GLY A 165 -8.12 -6.71 -0.08
C GLY A 165 -7.60 -7.16 -1.44
N PRO A 166 -6.43 -6.63 -1.85
CA PRO A 166 -5.84 -6.96 -3.15
C PRO A 166 -5.64 -8.47 -3.37
N ALA A 167 -5.35 -9.25 -2.33
CA ALA A 167 -5.23 -10.69 -2.50
C ALA A 167 -6.57 -11.31 -2.95
N TYR A 168 -7.65 -10.96 -2.26
CA TYR A 168 -8.97 -11.42 -2.67
C TYR A 168 -9.31 -10.90 -4.06
N GLU A 169 -9.08 -9.61 -4.28
CA GLU A 169 -9.34 -9.02 -5.59
C GLU A 169 -8.62 -9.82 -6.66
N TYR A 170 -7.32 -10.03 -6.47
CA TYR A 170 -6.53 -10.67 -7.51
C TYR A 170 -7.00 -12.09 -7.78
N ALA A 171 -7.34 -12.81 -6.71
CA ALA A 171 -7.81 -14.19 -6.87
C ALA A 171 -9.10 -14.21 -7.68
N MET A 172 -9.99 -13.27 -7.38
CA MET A 172 -11.28 -13.24 -8.07
C MET A 172 -11.11 -12.93 -9.56
N ILE A 173 -10.31 -11.93 -9.89
CA ILE A 173 -10.13 -11.54 -11.29
C ILE A 173 -9.34 -12.57 -12.10
N VAL A 174 -8.41 -13.27 -11.45
CA VAL A 174 -7.75 -14.41 -12.09
C VAL A 174 -8.77 -15.51 -12.40
N ALA A 175 -9.56 -15.89 -11.40
CA ALA A 175 -10.59 -16.90 -11.61
C ALA A 175 -11.47 -16.48 -12.78
N SER A 176 -11.87 -15.21 -12.76
CA SER A 176 -12.71 -14.64 -13.80
C SER A 176 -12.06 -14.69 -15.18
N ASP A 177 -10.82 -14.23 -15.26
CA ASP A 177 -10.09 -14.23 -16.52
C ASP A 177 -9.91 -15.64 -17.08
N LEU A 178 -9.61 -16.59 -16.21
CA LEU A 178 -9.47 -17.99 -16.59
C LEU A 178 -10.76 -18.48 -17.27
N LYS A 179 -11.91 -18.08 -16.73
CA LYS A 179 -13.20 -18.47 -17.30
C LYS A 179 -13.37 -17.86 -18.68
N LYS A 180 -13.18 -16.56 -18.76
CA LYS A 180 -13.31 -15.80 -20.00
C LYS A 180 -12.35 -16.30 -21.08
N ARG A 181 -11.46 -17.22 -20.73
CA ARG A 181 -10.52 -17.80 -21.69
C ARG A 181 -10.76 -19.30 -21.88
N GLY A 182 -11.81 -19.82 -21.23
CA GLY A 182 -12.07 -21.24 -21.26
C GLY A 182 -10.91 -22.06 -20.75
N MET A 183 -10.12 -21.48 -19.84
CA MET A 183 -8.93 -22.15 -19.31
C MET A 183 -9.11 -22.64 -17.87
N ARG A 184 -10.24 -22.28 -17.26
CA ARG A 184 -10.44 -22.54 -15.84
C ARG A 184 -10.41 -24.03 -15.52
N ASP A 185 -10.97 -24.82 -16.41
CA ASP A 185 -11.06 -26.27 -16.21
C ASP A 185 -9.69 -26.94 -16.29
N LYS A 186 -8.70 -26.19 -16.77
CA LYS A 186 -7.34 -26.72 -16.93
C LYS A 186 -6.48 -26.64 -15.66
N ILE A 187 -6.97 -25.97 -14.63
CA ILE A 187 -6.20 -25.79 -13.40
C ILE A 187 -6.45 -26.93 -12.41
N PRO A 188 -5.41 -27.70 -12.08
CA PRO A 188 -5.55 -28.84 -11.16
C PRO A 188 -5.98 -28.44 -9.75
N SER A 189 -5.53 -27.29 -9.26
CA SER A 189 -5.99 -26.78 -7.98
C SER A 189 -5.72 -25.28 -7.88
N PHE A 190 -6.64 -24.58 -7.24
CA PHE A 190 -6.60 -23.13 -7.08
C PHE A 190 -6.82 -22.92 -5.59
N THR A 191 -5.79 -22.44 -4.92
CA THR A 191 -5.77 -22.40 -3.46
C THR A 191 -5.53 -20.96 -2.97
N PHE A 192 -6.23 -20.59 -1.90
CA PHE A 192 -6.07 -19.28 -1.30
C PHE A 192 -5.46 -19.48 0.07
N ILE A 193 -4.32 -18.85 0.31
CA ILE A 193 -3.65 -19.01 1.59
C ILE A 193 -3.54 -17.66 2.28
N THR A 194 -4.05 -17.54 3.50
CA THR A 194 -3.95 -16.26 4.19
C THR A 194 -3.57 -16.42 5.66
N SER A 195 -2.83 -15.44 6.14
CA SER A 195 -2.47 -15.32 7.54
C SER A 195 -3.64 -14.80 8.40
N GLU A 196 -4.71 -14.36 7.75
CA GLU A 196 -5.90 -13.91 8.50
C GLU A 196 -6.42 -15.07 9.33
N PRO A 197 -6.99 -14.79 10.52
CA PRO A 197 -7.61 -15.85 11.33
C PRO A 197 -8.91 -16.40 10.74
N TYR A 198 -9.57 -15.63 9.89
CA TYR A 198 -10.69 -16.17 9.12
C TYR A 198 -10.83 -15.39 7.82
N ILE A 199 -11.52 -15.97 6.86
CA ILE A 199 -11.72 -15.32 5.57
C ILE A 199 -12.44 -13.99 5.79
N GLY A 200 -11.92 -12.91 5.20
CA GLY A 200 -12.56 -11.62 5.33
C GLY A 200 -12.32 -10.86 6.63
N HIS A 201 -11.33 -11.29 7.42
CA HIS A 201 -10.87 -10.54 8.58
C HIS A 201 -10.26 -9.19 8.11
N LEU A 202 -9.47 -9.29 7.06
CA LEU A 202 -8.94 -8.15 6.32
C LEU A 202 -8.03 -7.27 7.16
N GLY A 203 -7.47 -7.84 8.23
CA GLY A 203 -6.60 -7.08 9.10
C GLY A 203 -7.36 -6.09 9.96
N ILE A 204 -8.69 -6.13 9.93
CA ILE A 204 -9.50 -5.17 10.69
C ILE A 204 -10.65 -5.85 11.46
N GLN A 205 -10.51 -7.15 11.68
CA GLN A 205 -11.49 -7.92 12.43
C GLN A 205 -12.84 -7.96 11.72
N GLY A 206 -12.80 -7.98 10.39
CA GLY A 206 -13.99 -8.10 9.58
C GLY A 206 -14.71 -6.77 9.46
N VAL A 207 -15.51 -6.64 8.40
CA VAL A 207 -16.28 -5.42 8.19
C VAL A 207 -17.57 -5.79 7.46
N GLY A 208 -18.69 -5.34 8.02
CA GLY A 208 -19.98 -5.76 7.48
C GLY A 208 -19.98 -7.28 7.44
N ASP A 209 -20.47 -7.85 6.34
CA ASP A 209 -20.46 -9.30 6.19
C ASP A 209 -19.32 -9.71 5.25
N SER A 210 -18.14 -9.12 5.44
CA SER A 210 -16.98 -9.51 4.65
C SER A 210 -16.69 -11.02 4.77
N LYS A 211 -16.83 -11.58 5.96
CA LYS A 211 -16.57 -13.01 6.12
C LYS A 211 -17.45 -13.84 5.19
N GLY A 212 -18.76 -13.67 5.32
CA GLY A 212 -19.72 -14.44 4.55
C GLY A 212 -19.59 -14.24 3.05
N ILE A 213 -19.46 -12.98 2.64
CA ILE A 213 -19.43 -12.68 1.22
C ILE A 213 -18.13 -13.15 0.55
N LEU A 214 -17.01 -12.95 1.21
CA LEU A 214 -15.74 -13.39 0.64
C LEU A 214 -15.65 -14.93 0.65
N THR A 215 -16.14 -15.55 1.73
CA THR A 215 -16.14 -17.02 1.82
C THR A 215 -16.94 -17.60 0.66
N LYS A 216 -18.15 -17.09 0.48
CA LYS A 216 -19.02 -17.54 -0.60
C LYS A 216 -18.42 -17.28 -1.98
N GLY A 217 -17.78 -16.12 -2.12
CA GLY A 217 -17.16 -15.76 -3.38
C GLY A 217 -16.06 -16.73 -3.76
N LEU A 218 -15.20 -17.04 -2.81
CA LEU A 218 -14.15 -18.03 -3.04
C LEU A 218 -14.70 -19.42 -3.43
N LYS A 219 -15.68 -19.90 -2.68
CA LYS A 219 -16.31 -21.20 -2.98
C LYS A 219 -16.95 -21.20 -4.37
N GLU A 220 -17.65 -20.12 -4.70
CA GLU A 220 -18.29 -19.92 -5.99
C GLU A 220 -17.30 -20.13 -7.14
N GLU A 221 -16.04 -19.77 -6.91
CA GLU A 221 -15.04 -19.83 -7.96
C GLU A 221 -14.21 -21.10 -7.89
N GLY A 222 -14.60 -22.01 -7.00
CA GLY A 222 -13.89 -23.26 -6.80
C GLY A 222 -12.48 -23.05 -6.25
N ILE A 223 -12.30 -22.01 -5.45
CA ILE A 223 -11.03 -21.73 -4.82
C ILE A 223 -11.02 -22.29 -3.40
N GLU A 224 -10.08 -23.18 -3.11
CA GLU A 224 -10.01 -23.79 -1.79
C GLU A 224 -9.21 -22.89 -0.87
N ALA A 225 -9.70 -22.64 0.34
CA ALA A 225 -9.16 -21.56 1.16
C ALA A 225 -8.70 -22.00 2.55
N TYR A 226 -7.52 -21.54 2.94
CA TYR A 226 -6.96 -21.86 4.25
C TYR A 226 -6.58 -20.60 4.99
N THR A 227 -6.88 -20.57 6.28
CA THR A 227 -6.59 -19.41 7.09
C THR A 227 -5.64 -19.79 8.21
N ASN A 228 -5.17 -18.80 8.96
CA ASN A 228 -4.18 -19.01 10.00
C ASN A 228 -2.93 -19.68 9.45
N CYS A 229 -2.53 -19.28 8.24
CA CYS A 229 -1.36 -19.87 7.58
C CYS A 229 -0.19 -18.89 7.54
N LYS A 230 1.01 -19.43 7.68
CA LYS A 230 2.25 -18.74 7.32
C LYS A 230 3.04 -19.61 6.34
N VAL A 231 3.72 -18.96 5.40
CA VAL A 231 4.62 -19.64 4.49
C VAL A 231 6.04 -19.58 5.06
N THR A 232 6.64 -20.73 5.30
CA THR A 232 7.99 -20.78 5.86
C THR A 232 9.07 -20.66 4.79
N LYS A 233 8.77 -21.14 3.58
CA LYS A 233 9.71 -20.98 2.48
C LYS A 233 9.06 -21.36 1.17
N VAL A 234 9.60 -20.82 0.09
CA VAL A 234 9.24 -21.23 -1.25
C VAL A 234 10.51 -21.82 -1.85
N GLU A 235 10.40 -23.02 -2.40
CA GLU A 235 11.59 -23.75 -2.80
C GLU A 235 11.23 -24.91 -3.73
N ASP A 236 12.01 -25.04 -4.81
CA ASP A 236 11.74 -26.07 -5.82
C ASP A 236 10.31 -25.95 -6.32
N ASN A 237 9.83 -24.72 -6.46
CA ASN A 237 8.48 -24.46 -6.92
C ASN A 237 7.43 -25.10 -6.02
N LYS A 238 7.68 -25.10 -4.73
CA LYS A 238 6.68 -25.53 -3.76
C LYS A 238 6.61 -24.53 -2.61
N MET A 239 5.39 -24.28 -2.12
CA MET A 239 5.23 -23.42 -0.96
C MET A 239 5.12 -24.29 0.24
N TYR A 240 5.94 -24.04 1.24
CA TYR A 240 5.83 -24.79 2.48
C TYR A 240 4.99 -23.95 3.41
N VAL A 241 3.82 -24.47 3.75
CA VAL A 241 2.85 -23.76 4.54
C VAL A 241 2.66 -24.43 5.88
N THR A 242 2.62 -23.63 6.94
CA THR A 242 2.27 -24.11 8.27
C THR A 242 0.98 -23.45 8.72
N GLN A 243 0.02 -24.24 9.17
CA GLN A 243 -1.27 -23.72 9.62
C GLN A 243 -1.37 -23.94 11.11
N VAL A 244 -1.76 -22.91 11.84
CA VAL A 244 -1.84 -23.01 13.29
C VAL A 244 -3.27 -22.91 13.81
N ASP A 245 -3.44 -23.12 15.11
CA ASP A 245 -4.73 -22.94 15.75
C ASP A 245 -4.71 -21.65 16.58
N GLU A 246 -5.80 -21.39 17.29
CA GLU A 246 -5.93 -20.16 18.07
C GLU A 246 -4.76 -19.88 19.01
N LYS A 247 -3.99 -20.91 19.34
CA LYS A 247 -2.93 -20.78 20.32
C LYS A 247 -1.53 -20.80 19.68
N GLY A 248 -1.50 -20.91 18.36
CA GLY A 248 -0.24 -20.89 17.64
C GLY A 248 0.34 -22.26 17.40
N GLU A 249 -0.37 -23.29 17.85
CA GLU A 249 0.08 -24.66 17.67
C GLU A 249 -0.20 -25.15 16.26
N THR A 250 0.78 -25.83 15.66
CA THR A 250 0.62 -26.35 14.32
C THR A 250 -0.52 -27.38 14.28
N ILE A 251 -1.37 -27.30 13.27
CA ILE A 251 -2.42 -28.30 13.10
C ILE A 251 -2.25 -28.95 11.75
N LYS A 252 -1.41 -28.36 10.92
CA LYS A 252 -0.91 -29.07 9.78
C LYS A 252 0.18 -28.31 9.06
N GLU A 253 0.93 -29.05 8.28
CA GLU A 253 1.88 -28.46 7.38
C GLU A 253 1.47 -28.96 6.03
N MET A 254 1.73 -28.15 5.03
CA MET A 254 1.31 -28.49 3.69
C MET A 254 2.44 -28.15 2.79
N VAL A 255 2.56 -28.91 1.72
CA VAL A 255 3.54 -28.59 0.69
C VAL A 255 2.74 -28.50 -0.59
N LEU A 256 2.70 -27.28 -1.12
CA LEU A 256 1.87 -26.96 -2.26
C LEU A 256 2.73 -26.66 -3.47
N PRO A 257 2.55 -27.44 -4.55
CA PRO A 257 3.20 -27.12 -5.82
C PRO A 257 2.59 -25.86 -6.39
N VAL A 258 3.41 -25.01 -7.00
CA VAL A 258 2.95 -23.76 -7.58
C VAL A 258 3.50 -23.55 -8.98
N LYS A 259 2.61 -23.44 -9.94
CA LYS A 259 2.97 -23.03 -11.29
C LYS A 259 2.80 -21.54 -11.41
N PHE A 260 1.75 -21.02 -10.77
CA PHE A 260 1.54 -19.59 -10.74
C PHE A 260 1.06 -19.19 -9.35
N GLY A 261 1.75 -18.22 -8.76
CA GLY A 261 1.44 -17.79 -7.41
C GLY A 261 1.57 -16.30 -7.25
N MET A 262 0.87 -15.77 -6.24
CA MET A 262 0.91 -14.36 -5.91
C MET A 262 0.56 -14.26 -4.43
N MET A 263 1.51 -13.84 -3.61
CA MET A 263 1.25 -13.65 -2.19
C MET A 263 1.61 -12.21 -1.81
N ILE A 264 0.69 -11.51 -1.16
CA ILE A 264 1.00 -10.18 -0.68
C ILE A 264 2.04 -10.34 0.43
N PRO A 265 3.21 -9.67 0.31
CA PRO A 265 4.20 -9.78 1.37
C PRO A 265 3.90 -8.88 2.58
N ALA A 266 4.57 -9.16 3.69
CA ALA A 266 4.59 -8.25 4.82
C ALA A 266 5.27 -6.95 4.39
N PHE A 267 4.84 -5.82 4.98
CA PHE A 267 5.52 -4.53 4.74
C PHE A 267 6.44 -4.19 5.91
N LYS A 268 7.62 -3.63 5.62
CA LYS A 268 8.46 -3.00 6.62
C LYS A 268 8.76 -1.57 6.18
N GLY A 269 9.46 -0.79 7.00
CA GLY A 269 9.93 0.53 6.57
C GLY A 269 11.09 0.38 5.59
N VAL A 270 11.26 1.33 4.68
CA VAL A 270 12.38 1.25 3.76
C VAL A 270 13.71 1.42 4.51
N PRO A 271 14.81 0.83 4.00
CA PRO A 271 16.08 0.84 4.73
C PRO A 271 16.61 2.23 5.09
N ALA A 272 16.48 3.20 4.20
CA ALA A 272 17.03 4.53 4.47
C ALA A 272 16.35 5.16 5.67
N VAL A 273 15.08 4.81 5.86
CA VAL A 273 14.31 5.39 6.95
C VAL A 273 14.52 4.57 8.24
N ALA A 274 14.41 3.26 8.11
CA ALA A 274 14.62 2.34 9.22
C ALA A 274 16.03 2.50 9.77
N GLY A 275 16.95 2.90 8.91
CA GLY A 275 18.34 3.09 9.32
C GLY A 275 18.62 4.33 10.16
N VAL A 276 17.63 5.20 10.32
CA VAL A 276 17.85 6.41 11.14
C VAL A 276 17.74 6.07 12.61
N GLU A 277 18.84 6.19 13.35
CA GLU A 277 18.83 5.76 14.74
C GLU A 277 17.72 6.44 15.56
N GLY A 278 16.89 5.63 16.23
CA GLY A 278 15.88 6.16 17.12
C GLY A 278 14.63 6.70 16.45
N LEU A 279 14.59 6.65 15.13
CA LEU A 279 13.46 7.22 14.42
C LEU A 279 12.26 6.27 14.36
N CYS A 280 12.52 4.97 14.26
CA CYS A 280 11.48 4.00 13.93
C CYS A 280 11.30 2.87 14.95
N ASN A 281 10.16 2.21 14.90
CA ASN A 281 9.98 0.97 15.65
C ASN A 281 10.81 -0.17 15.01
N PRO A 282 10.83 -1.37 15.61
CA PRO A 282 11.72 -2.38 15.02
C PRO A 282 11.30 -2.81 13.61
N GLY A 283 10.05 -2.54 13.25
CA GLY A 283 9.60 -2.83 11.90
C GLY A 283 10.06 -1.81 10.85
N GLY A 284 10.60 -0.68 11.29
CA GLY A 284 11.11 0.33 10.34
C GLY A 284 10.10 1.43 10.07
N PHE A 285 9.02 1.43 10.85
CA PHE A 285 8.00 2.45 10.71
C PHE A 285 8.26 3.64 11.63
N VAL A 286 8.10 4.85 11.09
CA VAL A 286 8.43 6.09 11.81
C VAL A 286 7.48 6.33 12.96
N LEU A 287 8.02 6.51 14.16
CA LEU A 287 7.16 6.76 15.32
C LEU A 287 6.81 8.25 15.36
N VAL A 288 5.54 8.56 15.17
CA VAL A 288 5.11 9.96 15.12
C VAL A 288 4.01 10.22 16.13
N ASP A 289 3.85 11.48 16.52
CA ASP A 289 2.75 11.87 17.38
C ASP A 289 1.50 12.15 16.55
N GLU A 290 0.44 12.60 17.20
CA GLU A 290 -0.83 12.84 16.50
C GLU A 290 -0.76 13.96 15.48
N HIS A 291 0.32 14.74 15.51
CA HIS A 291 0.49 15.80 14.53
C HIS A 291 1.38 15.41 13.35
N GLN A 292 1.73 14.12 13.31
CA GLN A 292 2.56 13.53 12.25
C GLN A 292 4.05 13.86 12.42
N ARG A 293 4.41 14.46 13.56
CA ARG A 293 5.79 14.82 13.85
C ARG A 293 6.52 13.66 14.48
N SER A 294 7.74 13.42 14.03
CA SER A 294 8.58 12.40 14.62
C SER A 294 8.71 12.67 16.12
N LYS A 295 8.68 11.62 16.93
CA LYS A 295 8.84 11.80 18.37
C LYS A 295 10.28 12.14 18.75
N LYS A 296 11.21 11.85 17.85
CA LYS A 296 12.62 12.07 18.13
C LYS A 296 13.14 13.36 17.51
N TYR A 297 12.79 13.60 16.26
CA TYR A 297 13.27 14.79 15.55
C TYR A 297 12.13 15.74 15.24
N ALA A 298 12.18 16.93 15.85
CA ALA A 298 11.10 17.90 15.71
C ALA A 298 10.90 18.42 14.28
N ASN A 299 11.93 18.29 13.44
CA ASN A 299 11.81 18.74 12.05
C ASN A 299 11.65 17.61 11.02
N ILE A 300 11.33 16.41 11.51
CA ILE A 300 10.96 15.31 10.63
C ILE A 300 9.51 14.93 10.86
N PHE A 301 8.72 14.95 9.79
CA PHE A 301 7.31 14.54 9.82
C PHE A 301 7.19 13.32 8.92
N ALA A 302 6.11 12.56 9.06
CA ALA A 302 5.91 11.40 8.18
C ALA A 302 4.42 11.14 7.95
N ALA A 303 4.11 10.54 6.81
CA ALA A 303 2.73 10.23 6.48
C ALA A 303 2.70 9.00 5.60
N GLY A 304 1.54 8.36 5.53
CA GLY A 304 1.34 7.22 4.66
C GLY A 304 1.74 5.94 5.36
N ILE A 305 2.00 4.90 4.56
CA ILE A 305 2.36 3.58 5.11
C ILE A 305 3.63 3.67 5.96
N ALA A 306 4.46 4.65 5.67
CA ALA A 306 5.71 4.83 6.41
C ALA A 306 5.58 5.03 7.92
N ILE A 307 4.44 5.52 8.41
CA ILE A 307 4.32 5.76 9.86
C ILE A 307 3.93 4.49 10.64
N ALA A 308 4.25 4.48 11.92
CA ALA A 308 3.87 3.38 12.80
C ALA A 308 2.47 3.61 13.37
N ILE A 309 1.65 2.57 13.31
CA ILE A 309 0.34 2.58 13.96
C ILE A 309 0.22 1.32 14.81
N PRO A 310 0.03 1.50 16.12
CA PRO A 310 0.04 0.39 17.08
C PRO A 310 -1.06 -0.60 16.77
N PRO A 311 -0.79 -1.91 16.92
CA PRO A 311 -1.83 -2.91 16.72
C PRO A 311 -2.90 -2.83 17.81
N VAL A 312 -4.08 -3.37 17.55
CA VAL A 312 -5.16 -3.30 18.51
C VAL A 312 -5.65 -4.70 18.83
N GLU A 313 -5.08 -5.68 18.13
CA GLU A 313 -5.38 -7.10 18.36
C GLU A 313 -4.13 -7.90 18.06
N THR A 314 -4.13 -9.16 18.46
CA THR A 314 -3.04 -10.08 18.12
C THR A 314 -3.64 -11.35 17.55
N THR A 315 -3.29 -11.66 16.30
CA THR A 315 -3.82 -12.84 15.63
C THR A 315 -2.88 -14.03 15.78
N PRO A 316 -3.42 -15.26 15.71
CA PRO A 316 -2.61 -16.47 15.81
C PRO A 316 -1.38 -16.40 14.91
N VAL A 317 -1.57 -15.95 13.67
CA VAL A 317 -0.45 -15.64 12.79
C VAL A 317 -0.38 -14.12 12.67
N PRO A 318 0.82 -13.55 12.87
CA PRO A 318 0.91 -12.08 12.84
C PRO A 318 0.29 -11.51 11.56
N THR A 319 -0.51 -10.47 11.74
CA THR A 319 -1.13 -9.72 10.65
C THR A 319 -1.08 -8.25 11.06
N GLY A 320 -1.21 -7.34 10.10
CA GLY A 320 -1.29 -5.91 10.41
C GLY A 320 -2.56 -5.29 9.86
N ALA A 321 -2.88 -4.08 10.27
CA ALA A 321 -4.03 -3.37 9.75
C ALA A 321 -3.64 -2.45 8.59
N PRO A 322 -4.49 -2.34 7.57
CA PRO A 322 -4.14 -1.55 6.38
C PRO A 322 -4.09 -0.06 6.67
N LYS A 323 -3.28 0.65 5.89
CA LYS A 323 -3.26 2.09 5.93
C LYS A 323 -3.72 2.52 4.53
N THR A 324 -4.89 3.17 4.49
CA THR A 324 -5.54 3.38 3.21
C THR A 324 -5.66 4.85 2.84
N GLY A 325 -6.12 5.11 1.62
CA GLY A 325 -5.94 6.40 0.96
C GLY A 325 -6.53 7.60 1.66
N TYR A 326 -7.74 7.46 2.20
CA TYR A 326 -8.34 8.63 2.82
C TYR A 326 -7.58 9.02 4.08
N MET A 327 -7.15 8.05 4.87
CA MET A 327 -6.43 8.35 6.09
C MET A 327 -5.03 8.91 5.76
N ILE A 328 -4.41 8.38 4.72
CA ILE A 328 -3.11 8.85 4.29
C ILE A 328 -3.17 10.33 3.92
N GLU A 329 -4.21 10.71 3.20
CA GLU A 329 -4.36 12.10 2.79
C GLU A 329 -4.60 13.00 4.01
N SER A 330 -5.34 12.50 5.00
CA SER A 330 -5.51 13.28 6.22
C SER A 330 -4.17 13.45 6.95
N MET A 331 -3.34 12.40 6.97
CA MET A 331 -2.00 12.51 7.57
C MET A 331 -1.19 13.57 6.81
N VAL A 332 -1.25 13.51 5.48
CA VAL A 332 -0.51 14.45 4.66
C VAL A 332 -0.97 15.86 4.96
N SER A 333 -2.28 16.06 5.00
CA SER A 333 -2.84 17.39 5.20
C SER A 333 -2.41 17.96 6.55
N ALA A 334 -2.40 17.10 7.55
CA ALA A 334 -1.99 17.51 8.89
C ALA A 334 -0.51 17.89 8.95
N ALA A 335 0.34 17.07 8.32
CA ALA A 335 1.78 17.33 8.31
C ALA A 335 2.10 18.68 7.66
N VAL A 336 1.48 18.95 6.52
CA VAL A 336 1.74 20.19 5.79
C VAL A 336 1.32 21.39 6.62
N HIS A 337 0.15 21.29 7.23
CA HIS A 337 -0.37 22.37 8.07
C HIS A 337 0.52 22.60 9.28
N ASN A 338 0.99 21.52 9.90
CA ASN A 338 1.82 21.66 11.08
C ASN A 338 3.26 22.11 10.77
N ILE A 339 3.76 21.80 9.59
CA ILE A 339 5.07 22.31 9.19
C ILE A 339 4.97 23.82 8.98
N LYS A 340 3.99 24.23 8.17
CA LYS A 340 3.70 25.64 7.93
C LYS A 340 3.59 26.40 9.24
N ALA A 341 2.85 25.84 10.20
CA ALA A 341 2.71 26.43 11.52
C ALA A 341 4.06 26.58 12.22
N ASP A 342 4.91 25.56 12.13
CA ASP A 342 6.24 25.66 12.69
C ASP A 342 7.03 26.82 12.06
N LEU A 343 6.90 26.95 10.74
CA LEU A 343 7.58 28.01 10.00
C LEU A 343 7.08 29.40 10.38
N GLU A 344 5.89 29.46 10.95
CA GLU A 344 5.25 30.75 11.23
C GLU A 344 5.02 31.02 12.71
N GLY A 345 5.76 30.31 13.56
CA GLY A 345 5.65 30.51 14.99
C GLY A 345 4.84 29.46 15.75
N ARG A 346 3.56 29.32 15.41
CA ARG A 346 2.65 28.46 16.16
C ARG A 346 3.11 27.01 16.26
N LYS A 347 2.47 26.27 17.15
CA LYS A 347 2.49 24.82 17.09
C LYS A 347 1.21 24.38 16.39
N GLY A 348 1.37 23.59 15.33
CA GLY A 348 0.21 23.09 14.61
C GLY A 348 -0.54 22.13 15.50
N GLU A 349 -1.87 22.21 15.46
CA GLU A 349 -2.65 21.31 16.27
C GLU A 349 -3.38 20.29 15.42
N GLN A 350 -3.20 20.34 14.10
CA GLN A 350 -3.96 19.45 13.23
C GLN A 350 -3.53 18.00 13.41
N THR A 351 -4.50 17.09 13.39
CA THR A 351 -4.21 15.67 13.51
C THR A 351 -4.78 14.98 12.29
N MET A 352 -4.52 13.69 12.12
CA MET A 352 -5.07 12.96 10.99
C MET A 352 -6.53 12.62 11.22
N GLY A 353 -6.99 12.83 12.44
CA GLY A 353 -8.37 12.56 12.77
C GLY A 353 -8.61 11.09 13.10
N THR A 354 -9.85 10.65 12.95
CA THR A 354 -10.23 9.30 13.37
C THR A 354 -9.60 8.22 12.49
N TRP A 355 -9.12 7.13 13.09
CA TRP A 355 -8.61 6.02 12.29
C TRP A 355 -9.74 5.51 11.41
N ASN A 356 -9.45 5.22 10.14
CA ASN A 356 -10.44 4.58 9.30
C ASN A 356 -9.78 3.74 8.22
N ALA A 357 -10.52 2.77 7.69
CA ALA A 357 -10.02 2.04 6.52
C ALA A 357 -11.11 2.07 5.46
N VAL A 358 -10.71 2.40 4.23
CA VAL A 358 -11.63 2.49 3.11
C VAL A 358 -10.95 1.80 1.95
N CYS A 359 -11.63 0.84 1.33
CA CYS A 359 -11.05 0.08 0.23
CA CYS A 359 -11.07 0.08 0.23
C CYS A 359 -12.12 -0.17 -0.84
N PHE A 360 -11.72 -0.10 -2.10
CA PHE A 360 -12.62 -0.35 -3.22
C PHE A 360 -11.93 -1.35 -4.12
N ALA A 361 -12.61 -2.43 -4.47
CA ALA A 361 -12.03 -3.44 -5.34
C ALA A 361 -12.93 -3.66 -6.55
N ASP A 362 -12.37 -3.57 -7.75
CA ASP A 362 -13.17 -3.74 -8.96
C ASP A 362 -13.00 -5.14 -9.54
N MET A 363 -14.12 -5.83 -9.76
CA MET A 363 -14.08 -7.19 -10.27
C MET A 363 -14.33 -7.26 -11.78
N GLY A 364 -14.78 -6.16 -12.35
CA GLY A 364 -15.01 -6.09 -13.78
C GLY A 364 -16.20 -5.24 -14.10
N ASP A 365 -17.40 -5.78 -13.87
CA ASP A 365 -18.64 -5.03 -14.07
C ASP A 365 -19.15 -4.47 -12.75
N ARG A 366 -18.67 -5.06 -11.65
CA ARG A 366 -19.04 -4.59 -10.34
C ARG A 366 -17.88 -4.75 -9.35
N GLY A 367 -18.00 -4.11 -8.20
CA GLY A 367 -16.92 -4.13 -7.24
C GLY A 367 -17.41 -4.32 -5.82
N ALA A 368 -16.45 -4.47 -4.92
CA ALA A 368 -16.74 -4.56 -3.51
C ALA A 368 -15.99 -3.42 -2.86
N ALA A 369 -16.53 -2.87 -1.79
CA ALA A 369 -15.86 -1.80 -1.08
C ALA A 369 -16.24 -1.89 0.38
N PHE A 370 -15.37 -1.39 1.25
CA PHE A 370 -15.70 -1.31 2.65
C PHE A 370 -15.30 0.01 3.27
N ILE A 371 -16.00 0.36 4.35
CA ILE A 371 -15.59 1.49 5.17
C ILE A 371 -15.70 1.08 6.63
N ALA A 372 -14.64 1.30 7.38
CA ALA A 372 -14.59 0.89 8.78
C ALA A 372 -14.00 2.01 9.59
N LEU A 373 -14.70 2.44 10.63
CA LEU A 373 -14.15 3.41 11.59
C LEU A 373 -14.93 3.44 12.90
N PRO A 374 -14.22 3.61 14.03
CA PRO A 374 -12.75 3.71 14.12
C PRO A 374 -12.15 2.31 14.06
N GLN A 375 -10.98 2.09 14.63
CA GLN A 375 -10.31 0.82 14.42
C GLN A 375 -10.92 -0.34 15.21
N LEU A 376 -11.32 -0.06 16.44
CA LEU A 376 -11.82 -1.11 17.34
C LEU A 376 -13.36 -1.14 17.37
N LYS A 377 -13.93 -2.34 17.48
CA LYS A 377 -15.38 -2.48 17.57
C LYS A 377 -15.82 -2.26 19.02
N PRO A 378 -17.07 -1.82 19.22
CA PRO A 378 -18.06 -1.59 18.16
C PRO A 378 -17.81 -0.27 17.42
N ARG A 379 -17.99 -0.29 16.11
CA ARG A 379 -17.62 0.83 15.26
C ARG A 379 -18.74 1.85 15.09
N LYS A 380 -18.40 3.00 14.53
CA LYS A 380 -19.40 4.03 14.20
C LYS A 380 -19.89 3.83 12.77
N VAL A 381 -19.02 3.28 11.92
CA VAL A 381 -19.39 2.88 10.57
C VAL A 381 -18.69 1.56 10.26
N ASP A 382 -19.44 0.56 9.84
CA ASP A 382 -18.84 -0.75 9.56
C ASP A 382 -19.58 -1.38 8.39
N VAL A 383 -19.24 -0.94 7.18
CA VAL A 383 -20.01 -1.30 6.02
C VAL A 383 -19.20 -2.04 4.96
N PHE A 384 -19.78 -3.11 4.41
CA PHE A 384 -19.22 -3.79 3.26
C PHE A 384 -20.29 -3.77 2.18
N ALA A 385 -19.93 -3.36 0.98
CA ALA A 385 -20.90 -3.23 -0.10
C ALA A 385 -20.40 -3.80 -1.41
N TYR A 386 -21.33 -4.28 -2.23
CA TYR A 386 -21.02 -4.90 -3.52
C TYR A 386 -22.05 -4.39 -4.50
N GLY A 387 -21.61 -4.06 -5.71
CA GLY A 387 -22.51 -3.50 -6.70
C GLY A 387 -21.80 -2.96 -7.92
N ARG A 388 -22.59 -2.70 -8.96
CA ARG A 388 -22.05 -2.14 -10.19
C ARG A 388 -21.51 -0.75 -9.90
N TRP A 389 -22.10 -0.08 -8.92
CA TRP A 389 -21.74 1.29 -8.60
C TRP A 389 -20.39 1.44 -7.90
N VAL A 390 -19.91 0.35 -7.29
CA VAL A 390 -18.57 0.35 -6.71
C VAL A 390 -17.56 0.39 -7.85
N HIS A 391 -17.83 -0.40 -8.89
CA HIS A 391 -17.03 -0.40 -10.10
C HIS A 391 -16.99 1.00 -10.73
N LEU A 392 -18.15 1.64 -10.83
CA LEU A 392 -18.20 2.95 -11.45
C LEU A 392 -17.42 3.95 -10.60
N ALA A 393 -17.55 3.83 -9.28
CA ALA A 393 -16.82 4.71 -8.37
C ALA A 393 -15.28 4.52 -8.46
N LYS A 394 -14.83 3.28 -8.57
CA LYS A 394 -13.41 2.99 -8.66
C LYS A 394 -12.81 3.61 -9.91
N VAL A 395 -13.52 3.40 -11.02
CA VAL A 395 -13.13 3.96 -12.31
C VAL A 395 -13.10 5.47 -12.24
N ALA A 396 -14.10 6.04 -11.58
CA ALA A 396 -14.18 7.50 -11.47
C ALA A 396 -13.03 8.04 -10.61
N PHE A 397 -12.78 7.39 -9.49
CA PHE A 397 -11.76 7.91 -8.59
C PHE A 397 -10.36 7.77 -9.18
N GLU A 398 -10.08 6.65 -9.85
CA GLU A 398 -8.80 6.52 -10.53
C GLU A 398 -8.60 7.68 -11.50
N LYS A 399 -9.57 7.92 -12.37
CA LYS A 399 -9.45 9.01 -13.34
C LYS A 399 -9.20 10.33 -12.63
N TYR A 400 -9.95 10.58 -11.56
CA TYR A 400 -9.83 11.80 -10.78
C TYR A 400 -8.46 11.99 -10.12
N PHE A 401 -7.98 10.97 -9.43
CA PHE A 401 -6.72 11.07 -8.70
C PHE A 401 -5.56 11.31 -9.65
N ILE A 402 -5.57 10.60 -10.76
CA ILE A 402 -4.51 10.78 -11.73
C ILE A 402 -4.54 12.20 -12.33
N ARG A 403 -5.73 12.69 -12.66
CA ARG A 403 -5.86 14.06 -13.12
C ARG A 403 -5.32 15.06 -12.10
N LYS A 404 -5.74 14.93 -10.84
CA LYS A 404 -5.27 15.83 -9.79
C LYS A 404 -3.75 15.77 -9.60
N MET A 405 -3.16 14.60 -9.83
CA MET A 405 -1.74 14.45 -9.66
C MET A 405 -0.97 15.14 -10.79
N LYS A 406 -1.64 15.35 -11.91
CA LYS A 406 -1.05 16.09 -13.04
C LYS A 406 -1.31 17.59 -12.91
N MET A 407 -2.47 17.96 -12.38
CA MET A 407 -2.87 19.38 -12.36
C MET A 407 -2.56 20.08 -11.04
N GLY A 408 -2.26 19.30 -9.99
CA GLY A 408 -1.94 19.87 -8.70
C GLY A 408 -3.11 19.86 -7.74
N VAL A 409 -2.80 19.90 -6.46
CA VAL A 409 -3.79 19.95 -5.40
C VAL A 409 -3.36 20.98 -4.38
N SER A 410 -4.27 21.32 -3.48
CA SER A 410 -3.99 22.32 -2.46
C SER A 410 -4.91 22.06 -1.28
N GLU A 411 -5.54 23.14 -0.79
CA GLU A 411 -6.60 23.06 0.22
C GLU A 411 -6.63 21.72 0.97
N PRO A 412 -7.80 21.07 1.07
CA PRO A 412 -7.66 19.67 1.47
C PRO A 412 -7.51 18.77 0.26
N PHE A 413 -8.26 17.66 0.27
CA PHE A 413 -8.29 16.76 -0.86
C PHE A 413 -9.48 15.85 -0.67
N TYR A 414 -9.72 14.97 -1.64
CA TYR A 414 -11.00 14.28 -1.71
C TYR A 414 -12.06 15.36 -1.68
N GLU A 415 -12.99 15.27 -0.75
CA GLU A 415 -14.09 16.22 -0.72
C GLU A 415 -14.74 16.25 -2.09
N LYS A 416 -14.68 15.10 -2.76
CA LYS A 416 -15.48 14.84 -3.95
C LYS A 416 -16.89 14.62 -3.46
N VAL A 417 -17.12 15.01 -2.22
CA VAL A 417 -18.43 14.97 -1.57
C VAL A 417 -19.26 16.16 -2.05
N LEU A 418 -18.96 16.64 -3.25
CA LEU A 418 -19.78 17.64 -3.91
C LEU A 418 -20.93 16.93 -4.63
N PHE A 419 -20.90 15.60 -4.59
CA PHE A 419 -21.98 14.80 -5.14
C PHE A 419 -23.19 14.80 -4.22
N LYS A 420 -23.07 15.51 -3.09
CA LYS A 420 -24.19 15.75 -2.19
C LYS A 420 -24.78 17.14 -2.45
N MET A 421 -23.91 18.15 -2.46
CA MET A 421 -24.34 19.54 -2.63
C MET A 421 -24.78 19.83 -4.06
PA FAD B . 3.51 4.62 -1.83
O1A FAD B . 4.08 3.22 -1.96
O2A FAD B . 2.36 4.95 -2.72
O5B FAD B . 4.70 5.67 -2.17
C5B FAD B . 5.98 5.53 -1.58
C4B FAD B . 6.97 6.22 -2.53
O4B FAD B . 8.23 6.35 -1.92
C3B FAD B . 7.17 5.41 -3.80
O3B FAD B . 7.12 6.29 -4.89
C2B FAD B . 8.58 4.87 -3.69
O2B FAD B . 9.16 4.79 -4.99
C1B FAD B . 9.25 5.93 -2.84
N9A FAD B . 10.43 5.47 -2.10
C8A FAD B . 10.58 4.33 -1.36
N7A FAD B . 11.84 4.34 -0.84
C5A FAD B . 12.47 5.46 -1.24
C6A FAD B . 13.76 5.96 -1.01
N6A FAD B . 14.63 5.33 -0.24
N1A FAD B . 14.11 7.17 -1.58
C2A FAD B . 13.20 7.86 -2.35
N3A FAD B . 11.94 7.36 -2.60
C4A FAD B . 11.60 6.18 -2.03
N1 FAD B . -5.70 2.10 -0.50
C2 FAD B . -6.98 2.59 -0.68
O2 FAD B . -7.39 3.52 0.02
N3 FAD B . -7.80 2.01 -1.62
C4 FAD B . -7.37 0.98 -2.41
O4 FAD B . -8.13 0.48 -3.25
C4X FAD B . -6.08 0.48 -2.24
N5 FAD B . -5.63 -0.56 -3.04
C5X FAD B . -4.34 -1.03 -2.87
C6 FAD B . -3.86 -2.08 -3.66
C7 FAD B . -2.57 -2.56 -3.48
C7M FAD B . -2.04 -3.68 -4.32
C8 FAD B . -1.75 -1.97 -2.51
C8M FAD B . -0.36 -2.49 -2.32
C9 FAD B . -2.22 -0.93 -1.72
C9A FAD B . -3.52 -0.45 -1.90
N10 FAD B . -3.97 0.59 -1.11
C10 FAD B . -5.25 1.06 -1.28
C1' FAD B . -3.08 1.14 -0.01
C2' FAD B . -2.45 2.50 -0.09
O2' FAD B . -3.44 3.45 -0.38
C3' FAD B . -1.37 2.40 -1.14
O3' FAD B . -0.43 1.44 -0.68
C4' FAD B . -0.67 3.75 -1.28
O4' FAD B . 0.13 3.71 -2.43
C5' FAD B . 0.22 4.00 -0.06
O5' FAD B . 0.72 5.32 -0.17
P FAD B . 2.16 5.76 0.41
O1P FAD B . 2.34 7.20 -0.02
O2P FAD B . 2.27 5.52 1.90
O3P FAD B . 3.27 4.83 -0.26
C1B LMT C . -26.01 -9.82 -4.02
C2B LMT C . -27.24 -9.91 -4.84
C3B LMT C . -27.30 -8.79 -5.81
C4B LMT C . -27.22 -7.49 -5.11
C5B LMT C . -26.01 -7.45 -4.21
C6B LMT C . -25.84 -6.13 -3.55
O1B LMT C . -24.88 -9.89 -4.82
O2B LMT C . -27.21 -11.16 -5.51
O3B LMT C . -28.49 -8.86 -6.61
O4' LMT C . -27.11 -6.41 -6.03
O5B LMT C . -26.00 -8.52 -3.27
O6B LMT C . -24.74 -6.07 -2.68
C1' LMT C . -21.26 -11.70 -4.79
C2' LMT C . -22.35 -12.47 -5.45
C3' LMT C . -23.54 -11.62 -5.69
C4' LMT C . -24.04 -11.04 -4.51
C5' LMT C . -23.03 -10.57 -3.51
C6' LMT C . -23.63 -10.95 -2.24
O1' LMT C . -20.19 -12.53 -4.62
O2' LMT C . -21.87 -12.96 -6.69
O3' LMT C . -24.56 -12.48 -6.23
O5' LMT C . -21.68 -11.21 -3.55
O6' LMT C . -23.38 -10.13 -1.15
C1 LMT C . -18.90 -12.07 -4.90
C2 LMT C . -18.18 -11.27 -3.83
C3 LMT C . -16.65 -11.38 -3.80
C4 LMT C . -15.82 -10.10 -3.90
C5 LMT C . -14.34 -10.25 -3.98
C6 LMT C . -13.47 -9.67 -2.85
C7 LMT C . -12.89 -8.28 -3.12
C8 LMT C . -11.77 -7.66 -2.31
C9 LMT C . -11.87 -7.36 -0.80
C10 LMT C . -12.77 -6.30 -0.25
C11 LMT C . -12.27 -4.88 -0.21
C12 LMT C . -12.80 -3.97 -1.24
S H2S D . -7.19 -3.98 2.20
S H2S E . 5.16 -6.18 -5.29
S H2S F . -4.10 -2.22 1.70
S H2S G . -7.37 -1.40 0.49
S H2S H . -18.97 -3.00 15.19
S SO4 I . 19.30 24.71 2.44
O1 SO4 I . 18.66 23.48 2.92
O2 SO4 I . 20.12 25.29 3.52
O3 SO4 I . 20.12 24.39 1.28
O4 SO4 I . 18.28 25.68 2.07
#